data_6PVY
#
_entry.id   6PVY
#
_cell.length_a   117.317
_cell.length_b   63.895
_cell.length_c   74.461
_cell.angle_alpha   90.000
_cell.angle_beta   125.840
_cell.angle_gamma   90.000
#
_symmetry.space_group_name_H-M   'C 1 2 1'
#
loop_
_entity.id
_entity.type
_entity.pdbx_description
1 polymer 'Thiol:disulfide interchange protein DsbA'
2 non-polymer '[6-(3-methoxyphenoxy)-1-benzofuran-3-yl]acetic acid'
3 non-polymer 'DIMETHYL SULFOXIDE'
4 non-polymer DI(HYDROXYETHYL)ETHER
5 non-polymer 'COPPER (II) ION'
6 water water
#
_entity_poly.entity_id   1
_entity_poly.type   'polypeptide(L)'
_entity_poly.pdbx_seq_one_letter_code
;AQYEDGKQYTTLEKPVAGAPQVLEFFSFFCPHCYQFEEVLHISDNVKKKLPEGVKMTKYHVNFMGGDLGKDLTQAWAVAM
ALGVEDKVTVPLFEGVQKTQTIRSASDIRDVFINAGIKGEEYDAAWNSFVVKSLVAQQEKAAADVQLRGVPAMFVNGKYQ
LNPQGMDTSNMDVFVQQYADTVKYLSEKK
;
_entity_poly.pdbx_strand_id   A,B
#
loop_
_chem_comp.id
_chem_comp.type
_chem_comp.name
_chem_comp.formula
CU non-polymer 'COPPER (II) ION' 'Cu 2'
DMS non-polymer 'DIMETHYL SULFOXIDE' 'C2 H6 O S'
OZG non-polymer '[6-(3-methoxyphenoxy)-1-benzofuran-3-yl]acetic acid' 'C17 H14 O5'
PEG non-polymer DI(HYDROXYETHYL)ETHER 'C4 H10 O3'
#
# COMPACT_ATOMS: atom_id res chain seq x y z
N ALA A 1 5.82 30.85 -13.40
CA ALA A 1 5.31 29.92 -14.41
C ALA A 1 4.46 28.83 -13.75
N GLN A 2 3.51 28.29 -14.51
CA GLN A 2 2.63 27.25 -13.96
C GLN A 2 3.39 25.96 -13.70
N TYR A 3 4.24 25.56 -14.63
CA TYR A 3 5.17 24.46 -14.44
C TYR A 3 6.57 25.04 -14.28
N GLU A 4 7.32 24.56 -13.29
CA GLU A 4 8.67 25.08 -13.11
C GLU A 4 9.59 24.00 -12.54
N ASP A 5 10.83 24.02 -12.99
CA ASP A 5 11.83 23.09 -12.47
C ASP A 5 11.95 23.25 -10.96
N GLY A 6 11.93 22.13 -10.25
CA GLY A 6 11.90 22.13 -8.81
C GLY A 6 10.51 22.04 -8.21
N LYS A 7 9.47 22.24 -9.00
CA LYS A 7 8.10 22.11 -8.50
C LYS A 7 7.51 20.76 -8.90
N GLN A 8 6.78 20.70 -10.02
CA GLN A 8 6.18 19.45 -10.46
C GLN A 8 7.19 18.48 -11.03
N TYR A 9 8.43 18.91 -11.24
CA TYR A 9 9.45 18.07 -11.84
C TYR A 9 10.81 18.64 -11.48
N THR A 10 11.82 17.78 -11.58
CA THR A 10 13.20 18.21 -11.43
C THR A 10 13.96 17.88 -12.71
N THR A 11 15.13 18.48 -12.87
CA THR A 11 15.92 18.32 -14.07
C THR A 11 17.21 17.59 -13.71
N LEU A 12 17.41 16.41 -14.29
CA LEU A 12 18.61 15.64 -14.01
C LEU A 12 19.86 16.45 -14.29
N GLU A 13 20.82 16.40 -13.37
CA GLU A 13 22.08 17.10 -13.56
C GLU A 13 22.92 16.43 -14.64
N LYS A 14 22.76 15.12 -14.84
CA LYS A 14 23.44 14.39 -15.91
C LYS A 14 22.38 13.75 -16.79
N PRO A 15 21.98 14.43 -17.87
CA PRO A 15 20.96 13.85 -18.76
C PRO A 15 21.42 12.51 -19.31
N VAL A 16 20.47 11.61 -19.48
CA VAL A 16 20.75 10.25 -19.93
C VAL A 16 20.54 10.19 -21.44
N ALA A 17 21.61 9.94 -22.18
CA ALA A 17 21.54 9.88 -23.62
C ALA A 17 20.75 8.65 -24.07
N GLY A 18 19.78 8.87 -24.96
CA GLY A 18 19.02 7.77 -25.54
C GLY A 18 18.21 6.97 -24.55
N ALA A 19 17.41 7.64 -23.74
CA ALA A 19 16.53 6.96 -22.82
C ALA A 19 15.12 6.88 -23.38
N PRO A 20 14.29 5.97 -22.89
CA PRO A 20 12.90 5.91 -23.35
C PRO A 20 12.20 7.25 -23.16
N GLN A 21 11.18 7.49 -23.99
CA GLN A 21 10.48 8.77 -23.93
C GLN A 21 9.82 8.97 -22.58
N VAL A 22 9.09 7.95 -22.11
CA VAL A 22 8.43 7.97 -20.82
C VAL A 22 8.84 6.67 -20.12
N LEU A 23 9.57 6.80 -19.02
CA LEU A 23 10.15 5.64 -18.34
C LEU A 23 9.69 5.64 -16.89
N GLU A 24 9.00 4.58 -16.51
CA GLU A 24 8.46 4.43 -15.17
C GLU A 24 9.23 3.33 -14.45
N PHE A 25 9.52 3.54 -13.18
CA PHE A 25 10.13 2.51 -12.34
C PHE A 25 9.20 2.18 -11.19
N PHE A 26 9.18 0.91 -10.80
CA PHE A 26 8.31 0.48 -9.72
C PHE A 26 8.91 -0.75 -9.07
N SER A 27 8.34 -1.11 -7.92
CA SER A 27 8.62 -2.37 -7.27
C SER A 27 7.30 -2.98 -6.84
N PHE A 28 7.19 -4.30 -6.94
CA PHE A 28 6.01 -4.94 -6.38
C PHE A 28 6.00 -4.92 -4.85
N PHE A 29 7.11 -4.54 -4.22
CA PHE A 29 7.19 -4.34 -2.78
C PHE A 29 6.83 -2.93 -2.34
N CYS A 30 6.67 -2.02 -3.29
CA CYS A 30 6.61 -0.59 -2.99
C CYS A 30 5.17 -0.18 -2.70
N PRO A 31 4.85 0.27 -1.49
CA PRO A 31 3.45 0.56 -1.16
C PRO A 31 2.82 1.65 -2.00
N HIS A 32 3.57 2.73 -2.30
CA HIS A 32 3.02 3.76 -3.17
C HIS A 32 2.81 3.22 -4.59
N CYS A 33 3.69 2.32 -5.05
CA CYS A 33 3.51 1.73 -6.37
C CYS A 33 2.23 0.90 -6.44
N TYR A 34 1.90 0.22 -5.34
CA TYR A 34 0.59 -0.44 -5.25
C TYR A 34 -0.52 0.58 -5.46
N GLN A 35 -0.44 1.70 -4.75
CA GLN A 35 -1.44 2.75 -4.91
C GLN A 35 -1.44 3.30 -6.34
N PHE A 36 -0.25 3.41 -6.95
CA PHE A 36 -0.17 3.95 -8.31
C PHE A 36 -0.86 3.05 -9.32
N GLU A 37 -0.77 1.73 -9.13
CA GLU A 37 -1.36 0.77 -10.07
C GLU A 37 -2.83 0.47 -9.80
N GLU A 38 -3.18 0.11 -8.56
CA GLU A 38 -4.54 -0.33 -8.30
C GLU A 38 -5.52 0.79 -7.98
N VAL A 39 -5.06 1.86 -7.33
CA VAL A 39 -5.95 2.91 -6.86
C VAL A 39 -5.97 4.11 -7.80
N LEU A 40 -4.80 4.52 -8.29
CA LEU A 40 -4.68 5.73 -9.10
C LEU A 40 -4.55 5.46 -10.59
N HIS A 41 -4.03 4.30 -10.97
CA HIS A 41 -3.88 3.92 -12.37
C HIS A 41 -3.07 4.98 -13.13
N ILE A 42 -1.92 5.33 -12.54
CA ILE A 42 -1.10 6.41 -13.09
C ILE A 42 -0.70 6.11 -14.53
N SER A 43 -0.18 4.91 -14.78
CA SER A 43 0.34 4.61 -16.11
C SER A 43 -0.75 4.74 -17.18
N ASP A 44 -1.96 4.24 -16.89
CA ASP A 44 -3.03 4.33 -17.86
C ASP A 44 -3.46 5.78 -18.10
N ASN A 45 -3.49 6.59 -17.05
CA ASN A 45 -3.91 7.97 -17.23
C ASN A 45 -2.84 8.82 -17.89
N VAL A 46 -1.56 8.51 -17.70
CA VAL A 46 -0.53 9.16 -18.50
C VAL A 46 -0.68 8.78 -19.96
N LYS A 47 -0.88 7.50 -20.24
CA LYS A 47 -0.99 7.05 -21.63
C LYS A 47 -2.13 7.76 -22.35
N LYS A 48 -3.25 7.97 -21.66
CA LYS A 48 -4.41 8.58 -22.29
C LYS A 48 -4.20 10.05 -22.63
N LYS A 49 -3.15 10.67 -22.07
CA LYS A 49 -2.87 12.07 -22.33
C LYS A 49 -1.70 12.28 -23.29
N LEU A 50 -1.08 11.21 -23.77
CA LEU A 50 0.01 11.31 -24.74
C LEU A 50 -0.48 10.98 -26.14
N PRO A 51 0.21 11.47 -27.17
CA PRO A 51 -0.17 11.09 -28.54
C PRO A 51 -0.18 9.59 -28.74
N GLU A 52 -1.14 9.12 -29.55
CA GLU A 52 -1.27 7.71 -29.82
C GLU A 52 0.03 7.15 -30.40
N GLY A 53 0.43 5.97 -29.93
CA GLY A 53 1.64 5.33 -30.38
C GLY A 53 2.89 5.68 -29.61
N VAL A 54 2.86 6.74 -28.79
CA VAL A 54 4.04 7.12 -28.02
C VAL A 54 4.44 5.96 -27.10
N LYS A 55 5.75 5.76 -26.98
CA LYS A 55 6.28 4.62 -26.23
C LYS A 55 6.32 4.94 -24.74
N MET A 56 5.62 4.14 -23.95
CA MET A 56 5.73 4.17 -22.50
C MET A 56 6.46 2.91 -22.06
N THR A 57 7.45 3.07 -21.19
CA THR A 57 8.25 1.95 -20.71
C THR A 57 8.16 1.88 -19.20
N LYS A 58 7.96 0.67 -18.68
CA LYS A 58 7.85 0.45 -17.24
C LYS A 58 8.80 -0.66 -16.83
N TYR A 59 9.66 -0.37 -15.86
CA TYR A 59 10.69 -1.32 -15.44
C TYR A 59 10.59 -1.55 -13.94
N HIS A 60 10.94 -2.77 -13.52
CA HIS A 60 11.02 -3.16 -12.12
C HIS A 60 12.43 -2.87 -11.60
N VAL A 61 12.55 -2.76 -10.28
CA VAL A 61 13.83 -2.42 -9.65
C VAL A 61 14.18 -3.50 -8.62
N ASN A 62 15.47 -3.57 -8.30
CA ASN A 62 15.97 -4.60 -7.41
C ASN A 62 16.08 -4.17 -5.95
N PHE A 63 16.09 -2.87 -5.65
CA PHE A 63 16.58 -2.43 -4.35
C PHE A 63 15.56 -2.59 -3.23
N MET A 64 14.38 -3.14 -3.50
CA MET A 64 13.42 -3.50 -2.45
C MET A 64 13.16 -5.00 -2.48
N GLY A 65 13.08 -5.61 -1.30
CA GLY A 65 12.72 -7.01 -1.24
C GLY A 65 13.86 -7.98 -1.36
N GLY A 66 15.11 -7.51 -1.30
CA GLY A 66 16.24 -8.43 -1.32
C GLY A 66 16.16 -9.50 -2.40
N ASP A 67 16.26 -10.76 -1.99
CA ASP A 67 16.31 -11.86 -2.95
C ASP A 67 15.04 -11.90 -3.81
N LEU A 68 13.87 -11.81 -3.16
CA LEU A 68 12.62 -11.87 -3.91
C LEU A 68 12.45 -10.64 -4.80
N GLY A 69 13.01 -9.49 -4.41
CA GLY A 69 12.96 -8.32 -5.29
C GLY A 69 13.68 -8.57 -6.59
N LYS A 70 14.85 -9.24 -6.53
CA LYS A 70 15.57 -9.57 -7.75
C LYS A 70 14.82 -10.61 -8.58
N ASP A 71 14.18 -11.59 -7.91
CA ASP A 71 13.34 -12.53 -8.64
C ASP A 71 12.21 -11.80 -9.35
N LEU A 72 11.63 -10.77 -8.71
CA LEU A 72 10.52 -10.07 -9.35
C LEU A 72 10.96 -9.25 -10.53
N THR A 73 12.20 -8.73 -10.51
CA THR A 73 12.71 -8.06 -11.70
C THR A 73 12.86 -9.06 -12.86
N GLN A 74 13.29 -10.28 -12.55
CA GLN A 74 13.38 -11.29 -13.61
C GLN A 74 11.99 -11.72 -14.07
N ALA A 75 11.02 -11.83 -13.16
CA ALA A 75 9.67 -12.18 -13.57
C ALA A 75 9.04 -11.07 -14.40
N TRP A 76 9.33 -9.80 -14.07
CA TRP A 76 8.83 -8.71 -14.91
C TRP A 76 9.49 -8.76 -16.28
N ALA A 77 10.75 -9.17 -16.35
CA ALA A 77 11.37 -9.41 -17.66
C ALA A 77 10.64 -10.52 -18.41
N VAL A 78 10.24 -11.58 -17.70
CA VAL A 78 9.42 -12.62 -18.34
C VAL A 78 8.10 -12.03 -18.82
N ALA A 79 7.45 -11.23 -17.97
CA ALA A 79 6.18 -10.62 -18.35
C ALA A 79 6.34 -9.78 -19.61
N MET A 80 7.37 -8.95 -19.66
CA MET A 80 7.58 -8.12 -20.84
C MET A 80 7.86 -8.97 -22.07
N ALA A 81 8.70 -10.00 -21.92
CA ALA A 81 9.05 -10.83 -23.06
C ALA A 81 7.82 -11.50 -23.66
N LEU A 82 6.88 -11.93 -22.80
CA LEU A 82 5.70 -12.66 -23.23
C LEU A 82 4.53 -11.75 -23.55
N GLY A 83 4.61 -10.46 -23.21
CA GLY A 83 3.50 -9.56 -23.46
C GLY A 83 2.33 -9.74 -22.51
N VAL A 84 2.59 -10.20 -21.30
CA VAL A 84 1.51 -10.53 -20.35
C VAL A 84 1.53 -9.60 -19.14
N GLU A 85 2.11 -8.40 -19.26
CA GLU A 85 2.14 -7.47 -18.14
C GLU A 85 0.74 -7.24 -17.58
N ASP A 86 -0.23 -6.97 -18.45
CA ASP A 86 -1.58 -6.67 -18.01
C ASP A 86 -2.25 -7.87 -17.33
N LYS A 87 -1.72 -9.08 -17.50
CA LYS A 87 -2.32 -10.24 -16.86
C LYS A 87 -1.75 -10.52 -15.47
N VAL A 88 -0.54 -10.08 -15.19
CA VAL A 88 0.14 -10.45 -13.94
C VAL A 88 0.38 -9.27 -13.01
N THR A 89 0.20 -8.03 -13.45
CA THR A 89 0.54 -6.91 -12.56
C THR A 89 -0.30 -6.93 -11.30
N VAL A 90 -1.62 -7.10 -11.44
CA VAL A 90 -2.49 -7.06 -10.27
C VAL A 90 -2.21 -8.24 -9.35
N PRO A 91 -2.22 -9.47 -9.84
CA PRO A 91 -1.97 -10.60 -8.92
C PRO A 91 -0.58 -10.60 -8.31
N LEU A 92 0.42 -10.01 -8.99
CA LEU A 92 1.73 -9.90 -8.34
C LEU A 92 1.70 -8.86 -7.24
N PHE A 93 1.09 -7.70 -7.49
CA PHE A 93 0.96 -6.70 -6.44
C PHE A 93 0.20 -7.26 -5.24
N GLU A 94 -0.93 -7.91 -5.50
CA GLU A 94 -1.72 -8.42 -4.39
C GLU A 94 -1.03 -9.58 -3.69
N GLY A 95 -0.30 -10.39 -4.45
CA GLY A 95 0.42 -11.50 -3.83
C GLY A 95 1.52 -11.02 -2.90
N VAL A 96 2.23 -9.96 -3.29
CA VAL A 96 3.27 -9.44 -2.41
C VAL A 96 2.70 -8.64 -1.25
N GLN A 97 1.72 -7.77 -1.50
CA GLN A 97 1.34 -6.77 -0.50
C GLN A 97 0.00 -7.01 0.17
N LYS A 98 -0.94 -7.70 -0.46
CA LYS A 98 -2.26 -7.86 0.13
C LYS A 98 -2.40 -9.21 0.83
N THR A 99 -2.28 -10.30 0.08
CA THR A 99 -2.38 -11.63 0.66
C THR A 99 -1.05 -12.14 1.21
N GLN A 100 0.07 -11.60 0.73
CA GLN A 100 1.39 -12.04 1.15
C GLN A 100 1.56 -13.54 0.98
N THR A 101 1.15 -14.01 -0.19
CA THR A 101 1.29 -15.39 -0.61
C THR A 101 2.47 -15.59 -1.55
N ILE A 102 3.19 -14.54 -1.90
CA ILE A 102 4.38 -14.63 -2.75
C ILE A 102 5.58 -14.52 -1.83
N ARG A 103 6.23 -15.65 -1.59
CA ARG A 103 7.38 -15.73 -0.70
C ARG A 103 8.59 -16.37 -1.38
N SER A 104 8.42 -16.90 -2.59
CA SER A 104 9.49 -17.60 -3.28
C SER A 104 9.31 -17.40 -4.78
N ALA A 105 10.36 -17.75 -5.53
CA ALA A 105 10.25 -17.71 -6.98
C ALA A 105 9.18 -18.68 -7.48
N SER A 106 8.97 -19.79 -6.78
CA SER A 106 7.89 -20.69 -7.18
C SER A 106 6.53 -20.02 -7.03
N ASP A 107 6.35 -19.22 -5.97
CA ASP A 107 5.08 -18.53 -5.78
C ASP A 107 4.85 -17.51 -6.90
N ILE A 108 5.92 -16.85 -7.35
CA ILE A 108 5.80 -15.93 -8.47
C ILE A 108 5.33 -16.67 -9.71
N ARG A 109 5.97 -17.82 -10.00
CA ARG A 109 5.56 -18.66 -11.13
C ARG A 109 4.09 -19.04 -11.04
N ASP A 110 3.62 -19.39 -9.84
CA ASP A 110 2.21 -19.76 -9.68
C ASP A 110 1.28 -18.67 -10.20
N VAL A 111 1.63 -17.41 -9.96
CA VAL A 111 0.82 -16.29 -10.45
C VAL A 111 0.68 -16.36 -11.97
N PHE A 112 1.79 -16.59 -12.67
CA PHE A 112 1.73 -16.71 -14.13
C PHE A 112 0.91 -17.92 -14.56
N ILE A 113 1.12 -19.07 -13.89
CA ILE A 113 0.34 -20.26 -14.23
C ILE A 113 -1.14 -19.98 -14.08
N ASN A 114 -1.52 -19.41 -12.92
CA ASN A 114 -2.93 -19.09 -12.68
C ASN A 114 -3.45 -18.10 -13.71
N ALA A 115 -2.60 -17.20 -14.21
CA ALA A 115 -3.01 -16.24 -15.21
C ALA A 115 -3.07 -16.84 -16.62
N GLY A 116 -2.71 -18.11 -16.78
CA GLY A 116 -2.85 -18.79 -18.05
C GLY A 116 -1.58 -18.94 -18.87
N ILE A 117 -0.43 -18.56 -18.34
CA ILE A 117 0.83 -18.80 -19.02
C ILE A 117 1.24 -20.24 -18.77
N LYS A 118 1.55 -20.97 -19.84
CA LYS A 118 1.92 -22.37 -19.69
C LYS A 118 3.23 -22.50 -18.93
N GLY A 119 3.35 -23.58 -18.16
CA GLY A 119 4.55 -23.78 -17.36
C GLY A 119 5.80 -23.88 -18.20
N GLU A 120 5.77 -24.70 -19.25
CA GLU A 120 6.91 -24.80 -20.15
C GLU A 120 7.21 -23.45 -20.78
N GLU A 121 6.18 -22.66 -21.06
CA GLU A 121 6.36 -21.33 -21.63
C GLU A 121 7.03 -20.38 -20.64
N TYR A 122 6.58 -20.40 -19.39
CA TYR A 122 7.17 -19.56 -18.36
C TYR A 122 8.61 -19.97 -18.08
N ASP A 123 8.85 -21.26 -17.92
CA ASP A 123 10.18 -21.73 -17.58
C ASP A 123 11.17 -21.46 -18.70
N ALA A 124 10.74 -21.67 -19.95
CA ALA A 124 11.61 -21.38 -21.08
C ALA A 124 12.01 -19.91 -21.10
N ALA A 125 11.04 -19.01 -20.88
CA ALA A 125 11.35 -17.59 -20.85
C ALA A 125 12.23 -17.23 -19.67
N TRP A 126 11.90 -17.75 -18.49
CA TRP A 126 12.66 -17.43 -17.29
C TRP A 126 14.15 -17.68 -17.48
N ASN A 127 14.49 -18.77 -18.15
CA ASN A 127 15.87 -19.20 -18.34
C ASN A 127 16.49 -18.67 -19.63
N SER A 128 15.77 -17.85 -20.39
CA SER A 128 16.26 -17.45 -21.70
C SER A 128 17.24 -16.28 -21.56
N PHE A 129 18.13 -16.17 -22.55
CA PHE A 129 19.04 -15.04 -22.57
C PHE A 129 18.36 -13.75 -23.02
N VAL A 130 17.26 -13.85 -23.77
CA VAL A 130 16.44 -12.66 -24.02
C VAL A 130 15.96 -12.05 -22.72
N VAL A 131 15.58 -12.91 -21.76
CA VAL A 131 15.14 -12.39 -20.47
C VAL A 131 16.32 -11.84 -19.69
N LYS A 132 17.48 -12.51 -19.75
CA LYS A 132 18.67 -11.97 -19.11
C LYS A 132 19.00 -10.59 -19.65
N SER A 133 18.81 -10.39 -20.96
CA SER A 133 19.08 -9.08 -21.55
C SER A 133 18.04 -8.05 -21.10
N LEU A 134 16.78 -8.47 -20.93
CA LEU A 134 15.76 -7.56 -20.45
C LEU A 134 15.99 -7.18 -18.99
N VAL A 135 16.47 -8.12 -18.19
CA VAL A 135 16.91 -7.79 -16.83
C VAL A 135 18.02 -6.75 -16.88
N ALA A 136 19.04 -7.00 -17.69
CA ALA A 136 20.13 -6.02 -17.80
C ALA A 136 19.60 -4.65 -18.20
N GLN A 137 18.65 -4.60 -19.14
CA GLN A 137 18.10 -3.31 -19.57
C GLN A 137 17.44 -2.59 -18.40
N GLN A 138 16.60 -3.29 -17.64
CA GLN A 138 15.94 -2.65 -16.51
C GLN A 138 16.96 -2.11 -15.53
N GLU A 139 17.99 -2.91 -15.22
CA GLU A 139 19.02 -2.47 -14.28
C GLU A 139 19.79 -1.26 -14.81
N LYS A 140 20.17 -1.30 -16.09
CA LYS A 140 20.93 -0.18 -16.65
C LYS A 140 20.12 1.12 -16.58
N ALA A 141 18.86 1.05 -16.99
CA ALA A 141 18.01 2.25 -16.96
C ALA A 141 17.95 2.86 -15.57
N ALA A 142 17.75 2.02 -14.55
CA ALA A 142 17.74 2.53 -13.18
C ALA A 142 19.10 3.08 -12.78
N ALA A 143 20.18 2.39 -13.17
CA ALA A 143 21.51 2.89 -12.84
C ALA A 143 21.79 4.21 -13.55
N ASP A 144 21.32 4.35 -14.80
CA ASP A 144 21.56 5.57 -15.56
C ASP A 144 21.11 6.81 -14.81
N VAL A 145 20.08 6.70 -13.96
CA VAL A 145 19.55 7.85 -13.24
C VAL A 145 19.81 7.73 -11.74
N GLN A 146 20.72 6.85 -11.33
CA GLN A 146 21.07 6.64 -9.93
C GLN A 146 19.79 6.51 -9.08
N LEU A 147 18.94 5.57 -9.48
CA LEU A 147 17.61 5.46 -8.90
C LEU A 147 17.69 4.88 -7.49
N ARG A 148 17.18 5.65 -6.52
CA ARG A 148 17.17 5.23 -5.12
C ARG A 148 15.77 5.15 -4.52
N GLY A 149 14.73 5.49 -5.28
CA GLY A 149 13.38 5.42 -4.77
C GLY A 149 12.37 5.21 -5.87
N VAL A 150 11.28 4.54 -5.53
CA VAL A 150 10.14 4.38 -6.42
C VAL A 150 8.87 4.73 -5.65
N PRO A 151 7.78 5.02 -6.36
CA PRO A 151 7.72 5.08 -7.81
C PRO A 151 8.48 6.28 -8.37
N ALA A 152 8.87 6.19 -9.63
CA ALA A 152 9.55 7.27 -10.33
C ALA A 152 9.16 7.26 -11.79
N MET A 153 9.07 8.44 -12.39
CA MET A 153 8.88 8.55 -13.82
C MET A 153 9.85 9.61 -14.36
N PHE A 154 10.49 9.28 -15.47
CA PHE A 154 11.46 10.14 -16.13
C PHE A 154 10.97 10.39 -17.55
N VAL A 155 11.19 11.61 -18.04
CA VAL A 155 10.74 11.99 -19.38
C VAL A 155 11.96 12.38 -20.21
N ASN A 156 12.19 11.64 -21.29
CA ASN A 156 13.26 11.92 -22.25
C ASN A 156 14.64 11.91 -21.59
N GLY A 157 14.80 11.13 -20.52
CA GLY A 157 16.08 11.08 -19.83
C GLY A 157 16.53 12.38 -19.23
N LYS A 158 15.66 13.38 -19.16
CA LYS A 158 16.04 14.71 -18.70
C LYS A 158 15.23 15.21 -17.52
N TYR A 159 13.97 14.79 -17.37
CA TYR A 159 13.10 15.34 -16.34
C TYR A 159 12.53 14.20 -15.50
N GLN A 160 12.46 14.43 -14.20
CA GLN A 160 11.95 13.45 -13.25
C GLN A 160 10.70 14.02 -12.58
N LEU A 161 9.60 13.28 -12.66
CA LEU A 161 8.37 13.70 -12.01
C LEU A 161 8.58 13.91 -10.52
N ASN A 162 7.94 14.95 -9.98
CA ASN A 162 8.02 15.28 -8.55
C ASN A 162 6.62 15.32 -7.98
N PRO A 163 6.04 14.15 -7.64
CA PRO A 163 4.66 14.13 -7.12
C PRO A 163 4.51 14.73 -5.74
N GLN A 164 5.60 14.92 -4.99
CA GLN A 164 5.47 15.54 -3.67
C GLN A 164 5.01 16.99 -3.77
N GLY A 165 5.13 17.61 -4.94
CA GLY A 165 4.64 18.95 -5.15
C GLY A 165 3.28 18.99 -5.83
N MET A 166 2.33 18.21 -5.31
CA MET A 166 0.98 18.12 -5.86
C MET A 166 0.00 17.83 -4.74
N ASP A 167 -1.20 18.40 -4.82
CA ASP A 167 -2.21 18.17 -3.79
C ASP A 167 -2.74 16.75 -3.87
N THR A 168 -2.90 16.11 -2.71
CA THR A 168 -3.36 14.72 -2.64
C THR A 168 -4.69 14.58 -1.92
N SER A 169 -5.38 15.70 -1.66
CA SER A 169 -6.67 15.61 -0.99
C SER A 169 -7.71 14.92 -1.86
N ASN A 170 -7.53 14.96 -3.18
CA ASN A 170 -8.43 14.33 -4.12
C ASN A 170 -7.61 13.43 -5.04
N MET A 171 -7.93 12.13 -5.05
CA MET A 171 -7.13 11.20 -5.83
C MET A 171 -7.19 11.49 -7.32
N ASP A 172 -8.37 11.87 -7.82
CA ASP A 172 -8.54 12.07 -9.25
C ASP A 172 -7.82 13.33 -9.73
N VAL A 173 -7.85 14.39 -8.93
CA VAL A 173 -7.17 15.62 -9.29
C VAL A 173 -5.66 15.41 -9.34
N PHE A 174 -5.13 14.61 -8.41
CA PHE A 174 -3.70 14.35 -8.40
C PHE A 174 -3.27 13.59 -9.65
N VAL A 175 -4.06 12.59 -10.05
CA VAL A 175 -3.72 11.78 -11.22
C VAL A 175 -3.64 12.67 -12.46
N GLN A 176 -4.63 13.54 -12.63
CA GLN A 176 -4.65 14.36 -13.84
C GLN A 176 -3.53 15.40 -13.83
N GLN A 177 -3.16 15.92 -12.66
CA GLN A 177 -2.00 16.80 -12.59
C GLN A 177 -0.74 16.07 -12.99
N TYR A 178 -0.57 14.84 -12.50
CA TYR A 178 0.58 14.02 -12.86
C TYR A 178 0.64 13.81 -14.37
N ALA A 179 -0.48 13.39 -14.97
CA ALA A 179 -0.49 13.08 -16.40
C ALA A 179 -0.30 14.33 -17.23
N ASP A 180 -0.88 15.45 -16.80
CA ASP A 180 -0.70 16.70 -17.53
C ASP A 180 0.75 17.17 -17.46
N THR A 181 1.43 16.92 -16.33
CA THR A 181 2.83 17.26 -16.21
C THR A 181 3.70 16.41 -17.12
N VAL A 182 3.38 15.12 -17.24
CA VAL A 182 4.11 14.28 -18.18
C VAL A 182 3.91 14.80 -19.60
N LYS A 183 2.67 15.13 -19.96
CA LYS A 183 2.41 15.69 -21.28
C LYS A 183 3.23 16.96 -21.50
N TYR A 184 3.22 17.86 -20.53
CA TYR A 184 3.94 19.12 -20.66
C TYR A 184 5.43 18.87 -20.87
N LEU A 185 6.01 17.97 -20.07
CA LEU A 185 7.42 17.64 -20.19
C LEU A 185 7.72 16.98 -21.53
N SER A 186 6.83 16.11 -22.01
CA SER A 186 7.06 15.43 -23.26
C SER A 186 7.02 16.39 -24.44
N GLU A 187 6.41 17.55 -24.25
CA GLU A 187 6.35 18.58 -25.28
C GLU A 187 7.46 19.60 -25.17
N LYS A 188 8.28 19.53 -24.14
CA LYS A 188 9.43 20.44 -23.99
C LYS A 188 10.48 20.16 -25.06
N ALA B 1 11.15 -22.79 24.56
CA ALA B 1 9.83 -22.27 24.88
C ALA B 1 9.00 -22.04 23.61
N GLN B 2 7.67 -22.15 23.74
CA GLN B 2 6.82 -21.92 22.59
C GLN B 2 6.96 -20.48 22.08
N TYR B 3 6.72 -19.51 22.97
CA TYR B 3 6.76 -18.11 22.60
C TYR B 3 8.16 -17.56 22.82
N GLU B 4 8.78 -17.05 21.74
CA GLU B 4 10.14 -16.57 21.78
C GLU B 4 10.17 -15.13 21.28
N ASP B 5 10.82 -14.25 22.03
CA ASP B 5 10.93 -12.86 21.61
C ASP B 5 11.60 -12.78 20.24
N GLY B 6 11.01 -12.01 19.34
CA GLY B 6 11.48 -11.95 17.97
C GLY B 6 10.85 -12.95 17.04
N LYS B 7 10.15 -13.95 17.58
CA LYS B 7 9.41 -14.90 16.74
C LYS B 7 7.98 -14.40 16.55
N GLN B 8 7.12 -14.63 17.54
CA GLN B 8 5.73 -14.20 17.43
C GLN B 8 5.52 -12.74 17.80
N TYR B 9 6.50 -12.09 18.40
CA TYR B 9 6.32 -10.73 18.91
C TYR B 9 7.69 -10.13 19.15
N THR B 10 7.70 -8.80 19.30
CA THR B 10 8.88 -8.06 19.73
C THR B 10 8.49 -7.18 20.91
N THR B 11 9.51 -6.71 21.64
CA THR B 11 9.31 -5.90 22.83
C THR B 11 9.77 -4.48 22.56
N LEU B 12 8.93 -3.51 22.91
CA LEU B 12 9.26 -2.11 22.70
C LEU B 12 10.38 -1.66 23.62
N GLU B 13 11.22 -0.75 23.13
CA GLU B 13 12.29 -0.18 23.94
C GLU B 13 11.75 0.84 24.94
N LYS B 14 10.71 1.57 24.58
CA LYS B 14 10.11 2.59 25.45
C LYS B 14 8.62 2.33 25.53
N PRO B 15 8.15 1.64 26.57
CA PRO B 15 6.72 1.34 26.70
C PRO B 15 5.91 2.60 26.91
N VAL B 16 4.63 2.51 26.57
CA VAL B 16 3.70 3.64 26.62
C VAL B 16 2.83 3.48 27.86
N ALA B 17 2.91 4.45 28.78
CA ALA B 17 2.07 4.43 29.97
C ALA B 17 0.63 4.72 29.59
N GLY B 18 -0.30 3.98 30.18
CA GLY B 18 -1.71 4.20 29.92
C GLY B 18 -2.13 3.87 28.51
N ALA B 19 -1.43 2.96 27.85
CA ALA B 19 -1.84 2.56 26.52
C ALA B 19 -2.97 1.54 26.59
N PRO B 20 -3.85 1.51 25.59
CA PRO B 20 -4.92 0.50 25.58
C PRO B 20 -4.36 -0.90 25.73
N GLN B 21 -5.15 -1.77 26.35
CA GLN B 21 -4.72 -3.16 26.57
C GLN B 21 -4.34 -3.82 25.26
N VAL B 22 -5.20 -3.68 24.25
CA VAL B 22 -4.96 -4.22 22.91
C VAL B 22 -5.27 -3.11 21.92
N LEU B 23 -4.26 -2.66 21.19
CA LEU B 23 -4.36 -1.49 20.33
C LEU B 23 -3.97 -1.86 18.92
N GLU B 24 -4.94 -1.78 18.00
CA GLU B 24 -4.73 -2.09 16.59
C GLU B 24 -4.67 -0.79 15.80
N PHE B 25 -3.75 -0.71 14.85
CA PHE B 25 -3.68 0.40 13.91
C PHE B 25 -3.98 -0.10 12.49
N PHE B 26 -4.68 0.71 11.71
CA PHE B 26 -4.98 0.35 10.34
C PHE B 26 -5.16 1.60 9.50
N SER B 27 -5.27 1.38 8.19
CA SER B 27 -5.64 2.40 7.23
C SER B 27 -6.61 1.83 6.22
N PHE B 28 -7.59 2.62 5.79
CA PHE B 28 -8.46 2.12 4.74
C PHE B 28 -7.76 2.03 3.39
N PHE B 29 -6.57 2.62 3.26
CA PHE B 29 -5.75 2.49 2.05
C PHE B 29 -4.84 1.27 2.08
N CYS B 30 -4.71 0.66 3.26
CA CYS B 30 -3.77 -0.46 3.52
C CYS B 30 -4.36 -1.80 3.02
N PRO B 31 -3.81 -2.39 1.94
CA PRO B 31 -4.32 -3.65 1.39
C PRO B 31 -4.18 -4.83 2.37
N HIS B 32 -3.06 -4.92 3.08
CA HIS B 32 -2.91 -6.01 4.04
C HIS B 32 -3.86 -5.79 5.23
N CYS B 33 -4.22 -4.55 5.53
CA CYS B 33 -5.23 -4.33 6.57
C CYS B 33 -6.60 -4.80 6.12
N TYR B 34 -6.95 -4.51 4.87
CA TYR B 34 -8.18 -5.05 4.30
C TYR B 34 -8.18 -6.57 4.41
N GLN B 35 -7.06 -7.18 4.05
CA GLN B 35 -6.91 -8.63 4.16
C GLN B 35 -7.10 -9.09 5.61
N PHE B 36 -6.39 -8.47 6.56
CA PHE B 36 -6.53 -8.86 7.96
C PHE B 36 -7.98 -8.80 8.41
N GLU B 37 -8.67 -7.70 8.09
CA GLU B 37 -9.98 -7.49 8.71
C GLU B 37 -11.06 -8.30 8.01
N GLU B 38 -11.06 -8.33 6.68
CA GLU B 38 -12.22 -8.84 5.95
C GLU B 38 -12.04 -10.22 5.36
N VAL B 39 -10.81 -10.73 5.30
CA VAL B 39 -10.54 -12.07 4.81
C VAL B 39 -10.07 -12.99 5.93
N LEU B 40 -9.05 -12.57 6.67
CA LEU B 40 -8.53 -13.40 7.74
C LEU B 40 -9.33 -13.25 9.03
N HIS B 41 -10.06 -12.16 9.19
CA HIS B 41 -10.82 -11.87 10.40
C HIS B 41 -9.92 -11.92 11.63
N ILE B 42 -8.76 -11.28 11.53
CA ILE B 42 -7.80 -11.33 12.63
C ILE B 42 -8.41 -10.76 13.91
N SER B 43 -9.02 -9.58 13.82
CA SER B 43 -9.55 -8.94 15.03
C SER B 43 -10.70 -9.74 15.63
N ASP B 44 -11.52 -10.37 14.79
CA ASP B 44 -12.57 -11.26 15.30
C ASP B 44 -11.98 -12.42 16.09
N ASN B 45 -10.94 -13.04 15.55
CA ASN B 45 -10.36 -14.20 16.20
C ASN B 45 -9.57 -13.81 17.44
N VAL B 46 -8.90 -12.66 17.41
CA VAL B 46 -8.26 -12.14 18.62
C VAL B 46 -9.30 -11.90 19.70
N LYS B 47 -10.41 -11.25 19.33
CA LYS B 47 -11.47 -10.96 20.31
C LYS B 47 -12.00 -12.25 20.94
N LYS B 48 -12.26 -13.28 20.13
CA LYS B 48 -12.83 -14.51 20.65
C LYS B 48 -12.00 -15.09 21.79
N LYS B 49 -10.70 -14.81 21.80
CA LYS B 49 -9.79 -15.40 22.76
C LYS B 49 -9.35 -14.43 23.85
N LEU B 50 -9.78 -13.17 23.79
CA LEU B 50 -9.38 -12.23 24.82
C LEU B 50 -10.04 -12.59 26.15
N PRO B 51 -9.33 -12.43 27.26
CA PRO B 51 -9.92 -12.79 28.55
C PRO B 51 -10.86 -11.73 29.09
N GLU B 52 -11.25 -11.89 30.35
CA GLU B 52 -12.32 -11.11 30.97
C GLU B 52 -12.11 -9.61 30.80
N GLY B 53 -13.09 -8.94 30.19
CA GLY B 53 -13.16 -7.51 30.18
C GLY B 53 -12.27 -6.79 29.18
N VAL B 54 -11.24 -7.46 28.67
CA VAL B 54 -10.30 -6.79 27.78
C VAL B 54 -11.03 -6.29 26.54
N LYS B 55 -11.06 -4.98 26.37
CA LYS B 55 -11.63 -4.37 25.18
C LYS B 55 -10.55 -4.17 24.12
N MET B 56 -10.95 -4.26 22.86
CA MET B 56 -10.04 -4.00 21.75
C MET B 56 -10.26 -2.58 21.25
N THR B 57 -9.15 -1.86 21.06
CA THR B 57 -9.17 -0.53 20.50
C THR B 57 -8.55 -0.57 19.11
N LYS B 58 -9.19 0.13 18.18
CA LYS B 58 -8.68 0.21 16.82
C LYS B 58 -8.64 1.65 16.37
N TYR B 59 -7.49 2.11 15.90
CA TYR B 59 -7.26 3.47 15.47
C TYR B 59 -6.82 3.50 14.02
N HIS B 60 -7.21 4.57 13.32
CA HIS B 60 -6.78 4.82 11.96
C HIS B 60 -5.52 5.70 11.96
N VAL B 61 -4.73 5.58 10.89
CA VAL B 61 -3.51 6.35 10.76
C VAL B 61 -3.61 7.26 9.54
N ASN B 62 -2.77 8.31 9.56
CA ASN B 62 -2.77 9.33 8.52
C ASN B 62 -1.79 9.06 7.39
N PHE B 63 -0.73 8.29 7.62
CA PHE B 63 0.42 8.26 6.73
C PHE B 63 0.22 7.38 5.49
N MET B 64 -1.00 7.01 5.16
CA MET B 64 -1.28 6.33 3.90
C MET B 64 -2.39 7.08 3.18
N GLY B 65 -2.28 7.15 1.86
CA GLY B 65 -3.31 7.80 1.07
C GLY B 65 -3.21 9.31 0.98
N GLY B 66 -2.02 9.88 1.22
CA GLY B 66 -1.89 11.32 1.12
C GLY B 66 -2.84 12.06 2.03
N ASP B 67 -3.33 13.22 1.58
CA ASP B 67 -4.21 14.03 2.40
C ASP B 67 -5.53 13.33 2.71
N LEU B 68 -6.05 12.55 1.76
CA LEU B 68 -7.29 11.82 2.02
C LEU B 68 -7.13 10.87 3.21
N GLY B 69 -5.91 10.44 3.51
CA GLY B 69 -5.71 9.60 4.68
C GLY B 69 -6.07 10.30 5.97
N LYS B 70 -5.74 11.59 6.08
CA LYS B 70 -6.10 12.35 7.26
C LYS B 70 -7.61 12.46 7.42
N ASP B 71 -8.32 12.72 6.32
CA ASP B 71 -9.78 12.77 6.38
C ASP B 71 -10.37 11.43 6.81
N LEU B 72 -9.75 10.32 6.41
CA LEU B 72 -10.26 9.01 6.81
C LEU B 72 -10.05 8.76 8.30
N THR B 73 -8.97 9.29 8.86
CA THR B 73 -8.79 9.23 10.31
C THR B 73 -9.92 9.98 11.02
N GLN B 74 -10.25 11.18 10.54
CA GLN B 74 -11.35 11.93 11.13
C GLN B 74 -12.67 11.19 10.93
N ALA B 75 -12.86 10.57 9.76
CA ALA B 75 -14.07 9.79 9.53
C ALA B 75 -14.15 8.60 10.46
N TRP B 76 -13.00 7.95 10.73
CA TRP B 76 -13.00 6.85 11.68
C TRP B 76 -13.30 7.33 13.10
N ALA B 77 -12.83 8.53 13.46
CA ALA B 77 -13.25 9.12 14.72
C ALA B 77 -14.76 9.32 14.75
N VAL B 78 -15.34 9.81 13.64
CA VAL B 78 -16.79 9.92 13.56
C VAL B 78 -17.43 8.55 13.74
N ALA B 79 -16.89 7.53 13.07
CA ALA B 79 -17.44 6.18 13.20
C ALA B 79 -17.41 5.74 14.66
N MET B 80 -16.29 5.94 15.34
CA MET B 80 -16.23 5.59 16.76
C MET B 80 -17.20 6.44 17.56
N ALA B 81 -17.30 7.73 17.26
CA ALA B 81 -18.14 8.62 18.05
C ALA B 81 -19.61 8.25 17.91
N LEU B 82 -20.02 7.82 16.71
CA LEU B 82 -21.40 7.43 16.42
C LEU B 82 -21.66 5.96 16.72
N GLY B 83 -20.63 5.16 16.94
CA GLY B 83 -20.79 3.74 17.14
C GLY B 83 -21.28 3.02 15.90
N VAL B 84 -20.73 3.35 14.72
CA VAL B 84 -21.18 2.72 13.49
C VAL B 84 -20.00 2.04 12.78
N GLU B 85 -18.98 1.67 13.55
CA GLU B 85 -17.84 0.96 12.97
C GLU B 85 -18.28 -0.27 12.18
N ASP B 86 -19.27 -1.00 12.68
CA ASP B 86 -19.72 -2.23 12.06
C ASP B 86 -20.76 -2.02 10.97
N LYS B 87 -20.98 -0.77 10.57
CA LYS B 87 -21.78 -0.48 9.38
C LYS B 87 -20.96 0.16 8.26
N VAL B 88 -19.91 0.89 8.57
CA VAL B 88 -19.19 1.66 7.55
C VAL B 88 -17.84 1.07 7.18
N THR B 89 -17.34 0.07 7.91
CA THR B 89 -16.00 -0.44 7.62
C THR B 89 -15.93 -1.04 6.22
N VAL B 90 -16.92 -1.87 5.86
CA VAL B 90 -16.92 -2.52 4.56
C VAL B 90 -17.05 -1.49 3.45
N PRO B 91 -18.04 -0.59 3.49
CA PRO B 91 -18.14 0.41 2.42
C PRO B 91 -16.91 1.31 2.32
N LEU B 92 -16.23 1.58 3.44
CA LEU B 92 -15.03 2.41 3.36
C LEU B 92 -13.86 1.64 2.75
N PHE B 93 -13.64 0.39 3.18
CA PHE B 93 -12.61 -0.42 2.54
C PHE B 93 -12.91 -0.61 1.06
N GLU B 94 -14.14 -0.99 0.73
CA GLU B 94 -14.49 -1.23 -0.66
C GLU B 94 -14.48 0.06 -1.46
N GLY B 95 -14.89 1.17 -0.86
CA GLY B 95 -14.90 2.43 -1.57
C GLY B 95 -13.50 2.92 -1.93
N VAL B 96 -12.54 2.75 -1.03
CA VAL B 96 -11.17 3.19 -1.30
C VAL B 96 -10.47 2.23 -2.26
N GLN B 97 -10.56 0.93 -1.99
CA GLN B 97 -9.69 -0.05 -2.63
C GLN B 97 -10.35 -0.87 -3.74
N LYS B 98 -11.66 -1.08 -3.69
CA LYS B 98 -12.30 -2.02 -4.61
C LYS B 98 -13.01 -1.28 -5.73
N THR B 99 -14.12 -0.61 -5.41
CA THR B 99 -14.87 0.16 -6.39
C THR B 99 -14.21 1.50 -6.71
N GLN B 100 -13.31 1.97 -5.85
CA GLN B 100 -12.62 3.24 -6.03
C GLN B 100 -13.61 4.38 -6.30
N THR B 101 -14.65 4.42 -5.48
CA THR B 101 -15.62 5.50 -5.47
C THR B 101 -15.40 6.47 -4.32
N ILE B 102 -14.39 6.24 -3.50
CA ILE B 102 -14.02 7.16 -2.43
C ILE B 102 -12.73 7.85 -2.86
N ARG B 103 -12.85 9.10 -3.30
CA ARG B 103 -11.74 9.86 -3.84
C ARG B 103 -11.56 11.21 -3.14
N SER B 104 -12.45 11.56 -2.22
CA SER B 104 -12.42 12.86 -1.55
C SER B 104 -13.22 12.76 -0.26
N ALA B 105 -13.13 13.80 0.55
CA ALA B 105 -13.87 13.81 1.81
C ALA B 105 -15.37 13.70 1.57
N SER B 106 -15.88 14.34 0.52
CA SER B 106 -17.32 14.29 0.24
C SER B 106 -17.79 12.86 0.02
N ASP B 107 -16.98 12.04 -0.66
CA ASP B 107 -17.35 10.66 -0.91
C ASP B 107 -17.42 9.85 0.39
N ILE B 108 -16.59 10.19 1.37
CA ILE B 108 -16.65 9.53 2.68
C ILE B 108 -18.00 9.83 3.33
N ARG B 109 -18.42 11.09 3.31
CA ARG B 109 -19.70 11.48 3.90
C ARG B 109 -20.84 10.68 3.29
N ASP B 110 -20.81 10.49 1.97
CA ASP B 110 -21.86 9.74 1.30
C ASP B 110 -21.97 8.31 1.83
N VAL B 111 -20.84 7.71 2.21
CA VAL B 111 -20.88 6.35 2.76
C VAL B 111 -21.68 6.34 4.06
N PHE B 112 -21.44 7.33 4.93
CA PHE B 112 -22.21 7.38 6.17
C PHE B 112 -23.68 7.66 5.90
N ILE B 113 -23.99 8.60 5.01
CA ILE B 113 -25.38 8.90 4.69
C ILE B 113 -26.05 7.67 4.09
N ASN B 114 -25.34 6.95 3.21
CA ASN B 114 -25.90 5.77 2.59
C ASN B 114 -26.17 4.67 3.62
N ALA B 115 -25.40 4.64 4.70
CA ALA B 115 -25.62 3.66 5.76
C ALA B 115 -26.70 4.07 6.75
N GLY B 116 -27.34 5.23 6.56
CA GLY B 116 -28.49 5.61 7.37
C GLY B 116 -28.23 6.75 8.34
N ILE B 117 -27.00 7.24 8.44
CA ILE B 117 -26.71 8.42 9.24
C ILE B 117 -27.20 9.65 8.52
N LYS B 118 -27.92 10.52 9.24
CA LYS B 118 -28.35 11.79 8.64
C LYS B 118 -27.14 12.66 8.32
N GLY B 119 -27.18 13.29 7.14
CA GLY B 119 -26.11 14.21 6.77
C GLY B 119 -25.84 15.25 7.85
N GLU B 120 -26.90 15.79 8.45
CA GLU B 120 -26.71 16.81 9.48
C GLU B 120 -26.01 16.25 10.71
N GLU B 121 -26.27 14.98 11.04
CA GLU B 121 -25.65 14.36 12.20
C GLU B 121 -24.18 14.02 11.94
N TYR B 122 -23.88 13.51 10.74
CA TYR B 122 -22.49 13.30 10.37
C TYR B 122 -21.71 14.60 10.49
N ASP B 123 -22.27 15.70 9.98
CA ASP B 123 -21.58 16.98 10.02
C ASP B 123 -21.38 17.46 11.45
N ALA B 124 -22.42 17.38 12.28
CA ALA B 124 -22.25 17.73 13.69
C ALA B 124 -21.14 16.89 14.33
N ALA B 125 -21.17 15.58 14.10
CA ALA B 125 -20.11 14.72 14.64
C ALA B 125 -18.75 15.13 14.11
N TRP B 126 -18.65 15.31 12.79
CA TRP B 126 -17.38 15.64 12.17
C TRP B 126 -16.73 16.85 12.84
N ASN B 127 -17.55 17.85 13.19
CA ASN B 127 -17.05 19.08 13.77
C ASN B 127 -17.18 19.13 15.30
N SER B 128 -17.39 17.99 15.93
CA SER B 128 -17.64 17.97 17.36
C SER B 128 -16.34 17.97 18.15
N PHE B 129 -16.43 18.39 19.42
CA PHE B 129 -15.27 18.31 20.30
C PHE B 129 -14.88 16.86 20.56
N VAL B 130 -15.85 15.96 20.63
CA VAL B 130 -15.54 14.54 20.80
C VAL B 130 -14.66 14.04 19.66
N VAL B 131 -15.02 14.40 18.42
CA VAL B 131 -14.25 13.91 17.29
C VAL B 131 -12.87 14.57 17.22
N LYS B 132 -12.81 15.87 17.53
CA LYS B 132 -11.51 16.53 17.53
C LYS B 132 -10.57 15.89 18.54
N SER B 133 -11.10 15.44 19.67
CA SER B 133 -10.28 14.79 20.67
C SER B 133 -9.89 13.38 20.25
N LEU B 134 -10.81 12.67 19.58
CA LEU B 134 -10.50 11.32 19.11
C LEU B 134 -9.40 11.33 18.06
N VAL B 135 -9.37 12.36 17.21
CA VAL B 135 -8.32 12.47 16.20
C VAL B 135 -6.97 12.67 16.87
N ALA B 136 -6.90 13.57 17.85
CA ALA B 136 -5.66 13.77 18.59
C ALA B 136 -5.22 12.48 19.27
N GLN B 137 -6.18 11.74 19.85
CA GLN B 137 -5.84 10.47 20.48
C GLN B 137 -5.20 9.51 19.50
N GLN B 138 -5.81 9.37 18.31
CA GLN B 138 -5.28 8.42 17.33
C GLN B 138 -3.87 8.81 16.89
N GLU B 139 -3.65 10.10 16.64
CA GLU B 139 -2.31 10.55 16.24
C GLU B 139 -1.32 10.41 17.38
N LYS B 140 -1.71 10.74 18.61
CA LYS B 140 -0.78 10.62 19.72
C LYS B 140 -0.41 9.16 19.97
N ALA B 141 -1.39 8.26 19.95
CA ALA B 141 -1.09 6.85 20.13
C ALA B 141 -0.09 6.35 19.10
N ALA B 142 -0.27 6.75 17.84
CA ALA B 142 0.67 6.36 16.79
C ALA B 142 2.06 6.94 17.07
N ALA B 143 2.12 8.17 17.57
CA ALA B 143 3.39 8.79 17.86
C ALA B 143 4.09 8.13 19.04
N ASP B 144 3.32 7.62 20.00
CA ASP B 144 3.91 7.04 21.20
C ASP B 144 4.67 5.76 20.88
N VAL B 145 4.18 4.97 19.93
CA VAL B 145 4.84 3.73 19.54
C VAL B 145 5.71 3.91 18.30
N GLN B 146 6.01 5.16 17.94
CA GLN B 146 6.82 5.45 16.75
C GLN B 146 6.34 4.63 15.55
N LEU B 147 5.02 4.55 15.40
CA LEU B 147 4.43 3.72 14.36
C LEU B 147 4.93 4.13 12.99
N ARG B 148 5.38 3.13 12.21
CA ARG B 148 5.88 3.38 10.87
C ARG B 148 5.14 2.60 9.80
N GLY B 149 4.22 1.71 10.17
CA GLY B 149 3.50 0.95 9.17
C GLY B 149 2.31 0.24 9.79
N VAL B 150 1.38 -0.14 8.91
CA VAL B 150 0.21 -0.92 9.29
C VAL B 150 0.07 -2.11 8.35
N PRO B 151 -0.66 -3.14 8.77
CA PRO B 151 -1.28 -3.24 10.10
C PRO B 151 -0.25 -3.38 11.21
N ALA B 152 -0.73 -3.21 12.44
CA ALA B 152 0.11 -3.34 13.61
C ALA B 152 -0.81 -3.51 14.81
N MET B 153 -0.33 -4.24 15.81
CA MET B 153 -1.10 -4.44 17.04
C MET B 153 -0.15 -4.41 18.22
N PHE B 154 -0.57 -3.73 19.30
CA PHE B 154 0.25 -3.56 20.48
C PHE B 154 -0.53 -3.94 21.71
N VAL B 155 0.13 -4.67 22.62
CA VAL B 155 -0.47 -5.15 23.84
C VAL B 155 0.15 -4.37 25.00
N ASN B 156 -0.67 -3.54 25.65
CA ASN B 156 -0.24 -2.79 26.83
C ASN B 156 0.96 -1.89 26.55
N GLY B 157 1.05 -1.38 25.32
CA GLY B 157 2.12 -0.47 24.97
C GLY B 157 3.50 -0.99 25.28
N LYS B 158 3.67 -2.31 25.28
CA LYS B 158 4.97 -2.92 25.54
C LYS B 158 5.35 -4.01 24.56
N TYR B 159 4.40 -4.70 23.94
CA TYR B 159 4.70 -5.76 22.99
C TYR B 159 4.05 -5.46 21.65
N GLN B 160 4.72 -5.82 20.58
CA GLN B 160 4.23 -5.63 19.22
C GLN B 160 4.12 -6.98 18.53
N LEU B 161 2.93 -7.29 18.01
CA LEU B 161 2.76 -8.54 17.28
C LEU B 161 3.71 -8.58 16.09
N ASN B 162 4.27 -9.75 15.83
CA ASN B 162 5.22 -9.97 14.74
C ASN B 162 4.70 -11.09 13.83
N PRO B 163 3.67 -10.82 13.02
CA PRO B 163 3.16 -11.86 12.13
C PRO B 163 4.21 -12.37 11.15
N GLN B 164 5.26 -11.60 10.91
CA GLN B 164 6.31 -12.04 9.99
C GLN B 164 7.03 -13.28 10.49
N GLY B 165 7.02 -13.52 11.79
CA GLY B 165 7.68 -14.66 12.39
C GLY B 165 6.79 -15.86 12.64
N MET B 166 5.54 -15.81 12.22
CA MET B 166 4.58 -16.88 12.48
C MET B 166 4.50 -17.81 11.27
N ASP B 167 3.72 -18.88 11.43
CA ASP B 167 3.53 -19.85 10.35
C ASP B 167 2.71 -19.21 9.26
N THR B 168 3.38 -18.68 8.24
CA THR B 168 2.75 -17.92 7.18
C THR B 168 2.23 -18.79 6.04
N SER B 169 2.19 -20.11 6.23
CA SER B 169 1.69 -21.01 5.20
C SER B 169 0.23 -21.38 5.42
N ASN B 170 -0.06 -22.04 6.54
CA ASN B 170 -1.44 -22.38 6.88
C ASN B 170 -2.09 -21.16 7.51
N MET B 171 -3.07 -20.57 6.81
CA MET B 171 -3.68 -19.34 7.31
C MET B 171 -4.54 -19.60 8.54
N ASP B 172 -5.20 -20.75 8.62
CA ASP B 172 -6.01 -21.02 9.80
C ASP B 172 -5.15 -21.14 11.04
N VAL B 173 -4.00 -21.82 10.92
CA VAL B 173 -3.09 -21.92 12.05
C VAL B 173 -2.44 -20.58 12.33
N PHE B 174 -2.10 -19.82 11.28
CA PHE B 174 -1.54 -18.49 11.48
C PHE B 174 -2.51 -17.60 12.25
N VAL B 175 -3.78 -17.64 11.90
CA VAL B 175 -4.74 -16.73 12.53
C VAL B 175 -4.86 -17.05 14.01
N GLN B 176 -4.93 -18.34 14.35
CA GLN B 176 -5.03 -18.69 15.76
C GLN B 176 -3.70 -18.44 16.49
N GLN B 177 -2.58 -18.56 15.76
CA GLN B 177 -1.28 -18.23 16.36
C GLN B 177 -1.21 -16.76 16.72
N TYR B 178 -1.73 -15.90 15.84
CA TYR B 178 -1.81 -14.47 16.14
C TYR B 178 -2.70 -14.22 17.34
N ALA B 179 -3.90 -14.82 17.34
CA ALA B 179 -4.83 -14.62 18.46
C ALA B 179 -4.24 -15.15 19.76
N ASP B 180 -3.65 -16.34 19.71
CA ASP B 180 -3.03 -16.93 20.89
C ASP B 180 -1.84 -16.10 21.38
N THR B 181 -1.07 -15.52 20.45
CA THR B 181 0.01 -14.64 20.87
C THR B 181 -0.53 -13.43 21.63
N VAL B 182 -1.61 -12.83 21.12
CA VAL B 182 -2.21 -11.69 21.81
C VAL B 182 -2.67 -12.10 23.21
N LYS B 183 -3.37 -13.23 23.29
CA LYS B 183 -3.80 -13.74 24.59
C LYS B 183 -2.60 -13.98 25.50
N TYR B 184 -1.57 -14.67 25.00
CA TYR B 184 -0.40 -14.94 25.83
C TYR B 184 0.25 -13.66 26.30
N LEU B 185 0.36 -12.67 25.41
CA LEU B 185 0.95 -11.38 25.79
C LEU B 185 0.07 -10.65 26.79
N SER B 186 -1.25 -10.71 26.60
CA SER B 186 -2.16 -10.06 27.54
C SER B 186 -2.08 -10.64 28.94
N GLU B 187 -1.62 -11.89 29.06
CA GLU B 187 -1.53 -12.58 30.34
C GLU B 187 -0.16 -12.44 30.98
N LYS B 188 0.77 -11.73 30.35
CA LYS B 188 2.07 -11.47 30.97
C LYS B 188 1.92 -10.51 32.14
C10 OZG C . 2.08 9.30 -3.85
C13 OZG C . 5.77 9.49 -3.23
C15 OZG C . 7.75 7.97 -3.15
C20 OZG C . 4.17 10.56 -2.48
C21 OZG C . 2.90 10.97 -2.26
C22 OZG C . -0.84 8.88 -2.63
C01 OZG C . -3.56 6.65 -2.25
C03 OZG C . -2.02 8.26 -3.00
C04 OZG C . -2.98 8.96 -3.72
C05 OZG C . -2.75 10.28 -4.06
C06 OZG C . -1.58 10.89 -3.69
C07 OZG C . -0.61 10.20 -2.98
C09 OZG C . 1.82 10.37 -2.92
C11 OZG C . 3.42 8.88 -4.06
C12 OZG C . 4.45 9.48 -3.40
C14 OZG C . 6.60 8.49 -4.02
C18 OZG C . 6.41 10.26 -2.47
O02 OZG C . -2.25 6.92 -2.67
O08 OZG C . 0.56 10.90 -2.62
O16 OZG C . 8.72 8.73 -2.86
O17 OZG C . 7.74 6.80 -2.70
O19 OZG C . 5.47 11.04 -1.89
H101 OZG C . 1.38 8.89 -4.30
H211 OZG C . 2.74 11.66 -1.66
H221 OZG C . -0.20 8.41 -2.15
H011 OZG C . -3.56 5.85 -1.70
H012 OZG C . -4.13 6.50 -3.03
H013 OZG C . -3.90 7.40 -1.75
H041 OZG C . -3.77 8.54 -3.98
H051 OZG C . -3.40 10.74 -4.54
H061 OZG C . -1.43 11.79 -3.92
H111 OZG C . 3.58 8.19 -4.65
H141 OZG C . 6.96 8.91 -4.82
H142 OZG C . 6.04 7.74 -4.29
H181 OZG C . 7.33 10.28 -2.34
S DMS D . -2.05 -19.09 -6.93
O DMS D . -3.49 -19.09 -7.31
C1 DMS D . -1.89 -18.95 -5.14
C2 DMS D . -1.29 -17.51 -7.44
H11 DMS D . -2.44 -19.72 -4.67
H12 DMS D . -0.87 -19.03 -4.85
H13 DMS D . -2.26 -18.01 -4.81
H21 DMS D . -1.46 -17.36 -8.47
H22 DMS D . -0.25 -17.55 -7.25
H23 DMS D . -1.72 -16.72 -6.89
C2 PEG E . 8.09 -22.85 -2.51
O2 PEG E . 7.51 -21.67 -2.01
C3 PEG E . 6.85 -21.78 -0.77
C4 PEG E . 6.85 -20.43 -0.08
O4 PEG E . 5.54 -19.92 -0.02
H21 PEG E . 8.03 -23.53 -1.85
H22 PEG E . 7.63 -23.13 -3.29
H31 PEG E . 7.31 -22.41 -0.23
H32 PEG E . 5.97 -22.07 -0.90
H41 PEG E . 7.39 -19.83 -0.55
H42 PEG E . 7.19 -20.51 0.79
HO4 PEG E . 5.42 -19.53 0.71
S DMS F . -26.31 6.99 15.57
O DMS F . -24.87 6.96 15.98
C1 DMS F . -26.75 5.39 14.82
C2 DMS F . -26.51 8.10 14.16
H11 DMS F . -27.79 5.38 14.61
H12 DMS F . -26.52 4.60 15.49
H13 DMS F . -26.20 5.26 13.93
H21 DMS F . -27.54 8.19 13.92
H22 DMS F . -25.99 7.72 13.32
H23 DMS F . -26.13 9.07 14.41
CU CU G . 11.55 -22.11 22.51
#